data_4YYZ
#
_entry.id   4YYZ
#
_cell.length_a   107.788
_cell.length_b   107.788
_cell.length_c   136.020
_cell.angle_alpha   90.00
_cell.angle_beta   90.00
_cell.angle_gamma   120.00
#
_symmetry.space_group_name_H-M   'P 31 2 1'
#
loop_
_entity.id
_entity.type
_entity.pdbx_description
1 polymer 'Corticosteroid 11-beta-dehydrogenase isozyme 1'
2 non-polymer 'NADP NICOTINAMIDE-ADENINE-DINUCLEOTIDE PHOSPHATE'
3 non-polymer N-[(1R,2s,3S,5s,7s)-5-hydroxytricyclo[3.3.1.1~3,7~]dec-2-yl]-5,7-dimethylpyrazolo[1,5-a]pyrimidine-3-carboxamide
#
_entity_poly.entity_id   1
_entity_poly.type   'polypeptide(L)'
_entity_poly.pdbx_seq_one_letter_code
;EFRPEMLQGKKVIVTGASKGIGREMAYHLAKMGAHVVVTARSKETLQKVVSHCLELGAASAHYIAGTMEDMTFAEQFVAQ
AGKLMGGLDMLILNHITNTSLNLFHDDIHHVRKSMEVNFLSYVVLTVAALPMLKQSNGSIVVVSSLAGKVAYPLVAAYSA
SKFALDGFFSSIRKEYSVSRVNVSITLCVLGLIDTETAMKAVSGIVHMQAAPKEECALEIIKGGALRQEEVYYDSSRWTT
LLIRNPSRKILEELYSTSY
;
_entity_poly.pdbx_strand_id   A,B
#
# COMPACT_ATOMS: atom_id res chain seq x y z
N GLU A 1 1.22 29.39 -13.25
CA GLU A 1 0.73 30.02 -12.01
C GLU A 1 1.84 30.05 -10.95
N PHE A 2 2.79 29.10 -11.03
CA PHE A 2 3.94 28.99 -10.14
C PHE A 2 4.90 30.13 -10.42
N ARG A 3 5.68 30.51 -9.39
CA ARG A 3 6.72 31.53 -9.44
C ARG A 3 7.92 31.07 -8.57
N PRO A 4 9.19 31.23 -9.02
CA PRO A 4 10.33 30.85 -8.17
C PRO A 4 10.42 31.74 -6.92
N GLU A 5 9.86 32.97 -7.02
CA GLU A 5 9.78 33.96 -5.95
C GLU A 5 9.08 33.40 -4.70
N MET A 6 8.11 32.48 -4.91
CA MET A 6 7.35 31.80 -3.85
C MET A 6 8.27 31.07 -2.87
N LEU A 7 9.20 30.26 -3.41
CA LEU A 7 10.14 29.46 -2.63
C LEU A 7 11.20 30.25 -1.88
N GLN A 8 11.56 31.47 -2.36
CA GLN A 8 12.57 32.33 -1.73
C GLN A 8 12.33 32.51 -0.22
N GLY A 9 13.29 32.02 0.56
CA GLY A 9 13.25 32.09 2.02
C GLY A 9 12.51 30.97 2.73
N LYS A 10 11.90 30.04 1.99
CA LYS A 10 11.14 28.94 2.62
C LYS A 10 12.09 27.84 3.17
N LYS A 11 11.76 27.26 4.36
CA LYS A 11 12.54 26.25 5.09
C LYS A 11 12.11 24.85 4.65
N VAL A 12 12.93 24.20 3.81
CA VAL A 12 12.60 22.92 3.20
C VAL A 12 13.55 21.77 3.53
N ILE A 13 12.96 20.62 3.86
CA ILE A 13 13.62 19.34 4.06
C ILE A 13 13.45 18.55 2.77
N VAL A 14 14.52 17.91 2.34
CA VAL A 14 14.55 17.03 1.20
C VAL A 14 15.23 15.75 1.69
N THR A 15 14.46 14.65 1.80
CA THR A 15 15.05 13.37 2.19
C THR A 15 15.58 12.74 0.87
N GLY A 16 16.48 11.76 0.97
CA GLY A 16 17.07 11.07 -0.18
C GLY A 16 17.63 12.00 -1.24
N ALA A 17 18.45 12.97 -0.80
CA ALA A 17 19.03 14.03 -1.64
C ALA A 17 20.50 13.89 -1.97
N SER A 18 21.16 12.78 -1.56
CA SER A 18 22.59 12.61 -1.90
C SER A 18 22.77 12.39 -3.39
N LYS A 19 21.69 12.00 -4.10
CA LYS A 19 21.66 11.75 -5.55
C LYS A 19 20.23 11.78 -6.07
N GLY A 20 20.00 11.15 -7.23
CA GLY A 20 18.69 11.07 -7.89
C GLY A 20 17.87 12.35 -8.02
N ILE A 21 16.52 12.20 -7.92
CA ILE A 21 15.61 13.36 -8.01
C ILE A 21 15.81 14.29 -6.79
N GLY A 22 16.01 13.70 -5.62
CA GLY A 22 16.30 14.42 -4.39
C GLY A 22 17.34 15.50 -4.57
N ARG A 23 18.50 15.13 -5.15
CA ARG A 23 19.62 16.03 -5.41
C ARG A 23 19.26 17.17 -6.36
N GLU A 24 18.49 16.87 -7.43
CA GLU A 24 18.08 17.91 -8.38
C GLU A 24 17.05 18.83 -7.73
N MET A 25 16.26 18.30 -6.76
CA MET A 25 15.27 19.08 -6.04
C MET A 25 15.95 20.08 -5.14
N ALA A 26 16.98 19.62 -4.38
CA ALA A 26 17.84 20.44 -3.51
C ALA A 26 18.51 21.51 -4.36
N TYR A 27 18.94 21.13 -5.58
CA TYR A 27 19.58 22.01 -6.56
C TYR A 27 18.64 23.09 -7.11
N HIS A 28 17.38 22.75 -7.42
CA HIS A 28 16.43 23.75 -7.90
C HIS A 28 16.07 24.69 -6.79
N LEU A 29 15.78 24.14 -5.60
CA LEU A 29 15.42 24.93 -4.41
C LEU A 29 16.52 25.88 -4.07
N ALA A 30 17.79 25.40 -4.21
CA ALA A 30 19.00 26.17 -3.94
C ALA A 30 18.99 27.43 -4.78
N LYS A 31 18.78 27.27 -6.10
CA LYS A 31 18.69 28.31 -7.14
C LYS A 31 17.59 29.31 -6.79
N MET A 32 16.53 28.85 -6.10
CA MET A 32 15.38 29.64 -5.69
C MET A 32 15.56 30.41 -4.37
N GLY A 33 16.73 30.29 -3.74
CA GLY A 33 17.08 30.98 -2.51
C GLY A 33 16.26 30.62 -1.29
N ALA A 34 16.05 29.31 -1.09
CA ALA A 34 15.32 28.73 0.02
C ALA A 34 16.32 28.12 1.02
N HIS A 35 15.83 27.72 2.19
CA HIS A 35 16.66 27.08 3.20
C HIS A 35 16.50 25.60 2.98
N VAL A 36 17.61 24.86 2.85
CA VAL A 36 17.49 23.44 2.58
C VAL A 36 18.21 22.57 3.57
N VAL A 37 17.50 21.56 4.09
CA VAL A 37 18.05 20.51 4.93
C VAL A 37 17.93 19.22 4.13
N VAL A 38 19.08 18.60 3.85
CA VAL A 38 19.12 17.38 3.06
C VAL A 38 19.53 16.18 3.91
N THR A 39 18.97 15.00 3.60
CA THR A 39 19.37 13.77 4.29
C THR A 39 19.46 12.57 3.35
N ALA A 40 20.38 11.65 3.71
CA ALA A 40 20.72 10.36 3.07
C ALA A 40 21.74 9.67 3.98
N ARG A 41 22.23 8.47 3.63
CA ARG A 41 23.18 7.79 4.50
C ARG A 41 24.61 8.21 4.20
N SER A 42 24.91 8.52 2.91
CA SER A 42 26.24 8.93 2.41
C SER A 42 26.73 10.27 2.95
N LYS A 43 27.65 10.21 3.97
CA LYS A 43 28.20 11.38 4.66
C LYS A 43 28.84 12.39 3.67
N GLU A 44 29.85 11.97 2.90
CA GLU A 44 30.57 12.90 2.02
C GLU A 44 29.74 13.43 0.87
N THR A 45 29.03 12.55 0.19
CA THR A 45 28.14 12.90 -0.93
C THR A 45 27.22 14.06 -0.56
N LEU A 46 26.58 13.96 0.64
CA LEU A 46 25.69 14.98 1.16
C LEU A 46 26.40 16.32 1.33
N GLN A 47 27.64 16.31 1.85
CA GLN A 47 28.43 17.53 2.02
C GLN A 47 28.64 18.18 0.66
N LYS A 48 28.93 17.37 -0.37
CA LYS A 48 29.12 17.84 -1.74
C LYS A 48 27.88 18.60 -2.21
N VAL A 49 26.69 17.99 -2.03
CA VAL A 49 25.41 18.60 -2.41
C VAL A 49 25.25 19.93 -1.69
N VAL A 50 25.49 19.91 -0.37
CA VAL A 50 25.40 21.06 0.52
C VAL A 50 26.19 22.24 -0.05
N SER A 51 27.45 22.01 -0.45
CA SER A 51 28.29 23.05 -0.99
C SER A 51 27.76 23.64 -2.28
N HIS A 52 27.45 22.77 -3.29
CA HIS A 52 26.94 23.25 -4.58
C HIS A 52 25.61 24.01 -4.44
N CYS A 53 24.83 23.67 -3.39
CA CYS A 53 23.57 24.34 -3.06
C CYS A 53 23.78 25.81 -2.74
N LEU A 54 24.79 26.10 -1.91
CA LEU A 54 25.16 27.45 -1.50
C LEU A 54 25.70 28.22 -2.68
N GLU A 55 26.51 27.56 -3.54
CA GLU A 55 27.09 28.09 -4.79
C GLU A 55 25.95 28.43 -5.78
N LEU A 56 24.85 27.66 -5.73
CA LEU A 56 23.68 27.91 -6.55
C LEU A 56 22.82 29.04 -5.95
N GLY A 57 23.15 29.45 -4.73
CA GLY A 57 22.47 30.56 -4.05
C GLY A 57 21.35 30.19 -3.09
N ALA A 58 21.57 29.15 -2.26
CA ALA A 58 20.62 28.71 -1.25
C ALA A 58 20.77 29.58 0.01
N ALA A 59 19.63 29.97 0.63
CA ALA A 59 19.55 30.78 1.85
C ALA A 59 20.29 30.12 3.02
N SER A 60 20.29 28.77 3.05
CA SER A 60 21.00 27.91 4.00
C SER A 60 21.01 26.52 3.40
N ALA A 61 22.06 25.75 3.64
CA ALA A 61 22.16 24.36 3.22
C ALA A 61 22.83 23.57 4.32
N HIS A 62 22.19 22.48 4.78
CA HIS A 62 22.68 21.62 5.86
C HIS A 62 22.36 20.18 5.63
N TYR A 63 23.28 19.28 6.00
CA TYR A 63 23.11 17.84 5.83
C TYR A 63 23.14 17.13 7.14
N ILE A 64 22.27 16.17 7.32
CA ILE A 64 22.21 15.31 8.50
C ILE A 64 22.14 13.91 7.91
N ALA A 65 23.22 13.14 8.04
CA ALA A 65 23.30 11.78 7.51
C ALA A 65 22.70 10.72 8.46
N GLY A 66 22.17 9.66 7.85
CA GLY A 66 21.54 8.57 8.57
C GLY A 66 20.51 7.79 7.77
N THR A 67 20.27 6.56 8.24
CA THR A 67 19.38 5.55 7.69
C THR A 67 17.94 5.77 8.09
N MET A 68 17.04 5.60 7.13
CA MET A 68 15.62 5.71 7.46
C MET A 68 15.04 4.32 7.81
N GLU A 69 15.97 3.32 7.97
CA GLU A 69 15.64 1.96 8.40
C GLU A 69 15.34 2.07 9.86
N ASP A 70 16.13 2.89 10.57
CA ASP A 70 15.96 3.12 11.98
C ASP A 70 14.97 4.27 12.21
N MET A 71 13.85 3.99 12.89
CA MET A 71 12.80 4.98 13.09
C MET A 71 13.13 6.10 14.07
N THR A 72 13.96 5.84 15.08
CA THR A 72 14.31 6.88 16.04
C THR A 72 15.13 7.96 15.35
N PHE A 73 16.01 7.56 14.36
CA PHE A 73 16.83 8.40 13.47
C PHE A 73 15.87 9.43 12.84
N ALA A 74 14.85 8.91 12.18
CA ALA A 74 13.82 9.66 11.49
C ALA A 74 13.18 10.79 12.30
N GLU A 75 12.89 10.56 13.60
CA GLU A 75 12.28 11.57 14.49
C GLU A 75 13.33 12.63 14.84
N GLN A 76 14.48 12.16 15.35
CA GLN A 76 15.64 12.93 15.74
C GLN A 76 16.00 13.91 14.61
N PHE A 77 15.90 13.41 13.35
CA PHE A 77 16.21 14.12 12.11
C PHE A 77 15.41 15.42 11.98
N VAL A 78 14.07 15.28 11.99
CA VAL A 78 13.08 16.34 11.86
C VAL A 78 13.28 17.39 12.97
N ALA A 79 13.62 16.94 14.19
CA ALA A 79 13.90 17.85 15.31
C ALA A 79 15.06 18.78 15.02
N GLN A 80 16.23 18.19 14.69
CA GLN A 80 17.46 18.91 14.37
C GLN A 80 17.29 19.80 13.15
N ALA A 81 16.63 19.25 12.09
CA ALA A 81 16.33 19.95 10.84
C ALA A 81 15.50 21.19 11.16
N GLY A 82 14.50 21.00 12.03
CA GLY A 82 13.64 22.06 12.50
C GLY A 82 14.44 23.09 13.26
N LYS A 83 15.38 22.61 14.09
CA LYS A 83 16.24 23.47 14.91
C LYS A 83 17.09 24.34 14.02
N LEU A 84 17.71 23.76 12.98
CA LEU A 84 18.60 24.47 12.07
C LEU A 84 17.91 25.58 11.30
N MET A 85 16.64 25.37 10.94
CA MET A 85 15.86 26.32 10.16
C MET A 85 14.93 27.22 11.01
N GLY A 86 14.67 26.80 12.25
CA GLY A 86 13.77 27.51 13.16
C GLY A 86 12.37 26.97 13.06
N GLY A 87 11.93 26.81 11.81
CA GLY A 87 10.63 26.25 11.42
C GLY A 87 10.82 25.33 10.23
N LEU A 88 9.69 24.89 9.63
CA LEU A 88 9.66 24.01 8.47
C LEU A 88 8.42 24.35 7.67
N ASP A 89 8.59 24.70 6.38
CA ASP A 89 7.50 25.14 5.51
C ASP A 89 7.08 24.16 4.44
N MET A 90 7.90 23.12 4.19
CA MET A 90 7.71 22.09 3.17
C MET A 90 8.58 20.86 3.49
N LEU A 91 7.96 19.70 3.64
CA LEU A 91 8.67 18.45 3.89
C LEU A 91 8.55 17.59 2.63
N ILE A 92 9.68 17.28 1.99
CA ILE A 92 9.71 16.49 0.76
C ILE A 92 10.31 15.13 1.05
N LEU A 93 9.41 14.15 1.22
CA LEU A 93 9.77 12.76 1.46
C LEU A 93 9.97 12.12 0.11
N ASN A 94 11.23 11.74 -0.17
CA ASN A 94 11.59 11.20 -1.48
C ASN A 94 12.61 10.03 -1.42
N HIS A 95 13.05 9.62 -0.23
CA HIS A 95 14.00 8.51 -0.10
C HIS A 95 13.34 7.14 -0.33
N ILE A 96 14.15 6.14 -0.68
CA ILE A 96 13.71 4.76 -0.86
C ILE A 96 14.84 3.82 -0.56
N THR A 97 14.55 2.59 -0.07
CA THR A 97 15.63 1.59 0.07
C THR A 97 15.95 1.06 -1.33
N ASN A 98 17.24 0.71 -1.57
CA ASN A 98 17.72 0.22 -2.86
C ASN A 98 16.86 -0.91 -3.39
N THR A 99 16.40 -0.78 -4.62
CA THR A 99 15.57 -1.79 -5.23
C THR A 99 16.17 -2.18 -6.54
N SER A 100 16.13 -3.47 -6.85
CA SER A 100 16.61 -4.01 -8.12
C SER A 100 15.45 -4.72 -8.81
N LEU A 101 15.41 -4.62 -10.17
CA LEU A 101 14.35 -5.28 -10.91
C LEU A 101 14.62 -6.75 -10.82
N ASN A 102 13.66 -7.46 -10.25
CA ASN A 102 13.75 -8.87 -9.99
C ASN A 102 12.43 -9.53 -9.68
N LEU A 103 12.28 -10.81 -10.08
CA LEU A 103 11.11 -11.65 -9.80
C LEU A 103 11.02 -11.89 -8.32
N PHE A 104 9.82 -11.81 -7.75
CA PHE A 104 9.65 -12.01 -6.32
C PHE A 104 9.63 -13.48 -5.98
N HIS A 105 10.68 -13.91 -5.28
CA HIS A 105 10.77 -15.29 -4.93
C HIS A 105 10.27 -15.46 -3.51
N ASP A 106 11.08 -15.15 -2.51
CA ASP A 106 10.69 -15.28 -1.11
C ASP A 106 11.49 -14.31 -0.22
N ASP A 107 11.83 -13.11 -0.75
CA ASP A 107 12.59 -12.13 0.05
C ASP A 107 11.66 -11.28 0.92
N ILE A 108 11.16 -11.87 2.02
CA ILE A 108 10.29 -11.19 2.97
C ILE A 108 11.07 -10.08 3.65
N HIS A 109 12.40 -10.22 3.74
CA HIS A 109 13.25 -9.20 4.36
C HIS A 109 13.18 -7.94 3.58
N HIS A 110 13.21 -8.09 2.27
CA HIS A 110 13.15 -6.96 1.37
C HIS A 110 11.78 -6.31 1.43
N VAL A 111 10.68 -7.11 1.45
CA VAL A 111 9.32 -6.56 1.57
C VAL A 111 9.25 -5.72 2.86
N ARG A 112 9.76 -6.26 3.99
CA ARG A 112 9.75 -5.53 5.25
C ARG A 112 10.63 -4.30 5.16
N LYS A 113 11.88 -4.43 4.62
CA LYS A 113 12.76 -3.27 4.52
C LYS A 113 12.12 -2.15 3.72
N SER A 114 11.57 -2.50 2.53
CA SER A 114 10.82 -1.63 1.63
C SER A 114 9.70 -0.93 2.41
N MET A 115 8.91 -1.72 3.17
CA MET A 115 7.84 -1.19 3.96
C MET A 115 8.33 -0.15 4.96
N GLU A 116 9.43 -0.46 5.69
CA GLU A 116 10.02 0.41 6.71
C GLU A 116 10.56 1.72 6.17
N VAL A 117 11.43 1.67 5.13
CA VAL A 117 12.07 2.83 4.50
C VAL A 117 11.14 3.64 3.56
N ASN A 118 10.50 2.98 2.58
CA ASN A 118 9.64 3.67 1.62
C ASN A 118 8.28 4.09 2.16
N PHE A 119 7.80 3.47 3.28
CA PHE A 119 6.49 3.81 3.84
C PHE A 119 6.56 4.30 5.28
N LEU A 120 6.70 3.39 6.26
CA LEU A 120 6.68 3.69 7.70
C LEU A 120 7.44 4.94 8.10
N SER A 121 8.65 5.08 7.54
CA SER A 121 9.56 6.21 7.68
C SER A 121 8.82 7.52 7.36
N TYR A 122 8.19 7.61 6.17
CA TYR A 122 7.46 8.78 5.71
C TYR A 122 6.42 9.15 6.74
N VAL A 123 5.71 8.15 7.31
CA VAL A 123 4.66 8.38 8.31
C VAL A 123 5.29 8.97 9.55
N VAL A 124 6.33 8.29 10.08
CA VAL A 124 7.11 8.73 11.27
C VAL A 124 7.59 10.17 11.12
N LEU A 125 8.11 10.52 9.93
CA LEU A 125 8.60 11.84 9.57
C LEU A 125 7.45 12.82 9.59
N THR A 126 6.35 12.49 8.89
CA THR A 126 5.17 13.33 8.83
C THR A 126 4.71 13.66 10.24
N VAL A 127 4.55 12.63 11.11
CA VAL A 127 4.14 12.78 12.50
C VAL A 127 5.11 13.75 13.23
N ALA A 128 6.41 13.48 13.10
CA ALA A 128 7.44 14.32 13.69
C ALA A 128 7.37 15.77 13.18
N ALA A 129 7.08 15.97 11.89
CA ALA A 129 7.03 17.30 11.26
C ALA A 129 5.73 18.08 11.48
N LEU A 130 4.62 17.36 11.66
CA LEU A 130 3.27 17.90 11.81
C LEU A 130 3.11 19.06 12.78
N PRO A 131 3.77 19.10 13.98
CA PRO A 131 3.57 20.27 14.85
C PRO A 131 4.16 21.53 14.21
N MET A 132 5.41 21.41 13.70
CA MET A 132 6.15 22.49 13.03
C MET A 132 5.45 22.96 11.76
N LEU A 133 4.93 22.00 10.99
CA LEU A 133 4.22 22.27 9.73
C LEU A 133 2.87 22.92 9.94
N LYS A 134 2.18 22.55 11.03
CA LYS A 134 0.87 23.10 11.37
C LYS A 134 0.97 24.61 11.56
N GLN A 135 2.00 25.08 12.34
CA GLN A 135 2.18 26.51 12.66
C GLN A 135 2.73 27.34 11.49
N SER A 136 3.15 26.69 10.42
CA SER A 136 3.64 27.41 9.25
C SER A 136 2.61 27.28 8.11
N ASN A 137 1.60 26.39 8.30
CA ASN A 137 0.56 26.05 7.32
C ASN A 137 1.23 25.49 6.06
N GLY A 138 2.19 24.59 6.30
CA GLY A 138 3.06 23.99 5.29
C GLY A 138 2.51 22.92 4.37
N SER A 139 3.44 22.19 3.76
CA SER A 139 3.14 21.13 2.79
C SER A 139 4.03 19.92 2.94
N ILE A 140 3.42 18.75 2.83
CA ILE A 140 4.06 17.45 2.78
C ILE A 140 3.98 17.06 1.30
N VAL A 141 5.13 16.62 0.75
CA VAL A 141 5.27 16.21 -0.65
C VAL A 141 5.83 14.81 -0.61
N VAL A 142 4.98 13.85 -0.98
CA VAL A 142 5.29 12.43 -1.00
C VAL A 142 5.62 12.10 -2.45
N VAL A 143 6.82 11.54 -2.68
CA VAL A 143 7.25 11.18 -4.03
C VAL A 143 6.93 9.72 -4.27
N SER A 144 5.91 9.48 -5.09
CA SER A 144 5.45 8.14 -5.42
C SER A 144 5.86 7.82 -6.87
N SER A 145 5.23 6.81 -7.48
CA SER A 145 5.59 6.30 -8.78
C SER A 145 4.36 5.79 -9.50
N LEU A 146 4.51 5.48 -10.79
CA LEU A 146 3.50 4.87 -11.64
C LEU A 146 3.09 3.54 -11.00
N ALA A 147 4.12 2.82 -10.46
CA ALA A 147 4.03 1.57 -9.73
C ALA A 147 3.33 1.76 -8.37
N GLY A 148 3.10 3.02 -7.97
CA GLY A 148 2.34 3.38 -6.78
C GLY A 148 0.87 3.56 -7.13
N LYS A 149 0.54 3.35 -8.42
CA LYS A 149 -0.82 3.48 -8.90
C LYS A 149 -1.25 2.30 -9.76
N VAL A 150 -0.28 1.50 -10.19
CA VAL A 150 -0.50 0.43 -11.14
C VAL A 150 0.49 -0.75 -10.90
N ALA A 151 0.11 -1.94 -11.41
CA ALA A 151 0.91 -3.14 -11.19
C ALA A 151 1.95 -3.48 -12.27
N TYR A 152 3.25 -3.46 -11.89
CA TYR A 152 4.31 -3.85 -12.82
C TYR A 152 5.12 -5.01 -12.27
N PRO A 153 5.43 -6.04 -13.08
CA PRO A 153 6.31 -7.12 -12.59
C PRO A 153 7.74 -6.62 -12.38
N LEU A 154 8.44 -7.26 -11.44
CA LEU A 154 9.83 -7.01 -10.98
C LEU A 154 9.97 -5.92 -9.92
N VAL A 155 8.81 -5.34 -9.46
CA VAL A 155 8.74 -4.28 -8.44
C VAL A 155 7.63 -4.52 -7.37
N ALA A 156 7.34 -5.79 -6.99
CA ALA A 156 6.26 -6.14 -6.05
C ALA A 156 6.35 -5.43 -4.69
N ALA A 157 7.52 -5.50 -4.01
CA ALA A 157 7.73 -4.85 -2.73
C ALA A 157 7.76 -3.33 -2.87
N TYR A 158 8.32 -2.82 -4.00
CA TYR A 158 8.36 -1.38 -4.30
C TYR A 158 6.94 -0.84 -4.46
N SER A 159 6.11 -1.52 -5.28
CA SER A 159 4.72 -1.17 -5.53
C SER A 159 3.92 -1.25 -4.22
N ALA A 160 4.19 -2.27 -3.39
CA ALA A 160 3.48 -2.45 -2.16
C ALA A 160 3.62 -1.20 -1.28
N SER A 161 4.87 -0.69 -1.14
CA SER A 161 5.19 0.50 -0.35
C SER A 161 4.65 1.80 -0.99
N LYS A 162 4.77 1.92 -2.33
CA LYS A 162 4.25 3.10 -3.04
C LYS A 162 2.67 3.11 -3.08
N PHE A 163 2.04 1.93 -3.00
CA PHE A 163 0.60 1.87 -2.96
C PHE A 163 0.16 2.20 -1.54
N ALA A 164 0.98 1.85 -0.55
CA ALA A 164 0.69 2.16 0.85
C ALA A 164 0.75 3.67 1.11
N LEU A 165 1.64 4.40 0.40
CA LEU A 165 1.76 5.85 0.56
C LEU A 165 0.48 6.55 0.13
N ASP A 166 -0.06 6.16 -1.04
CA ASP A 166 -1.31 6.67 -1.57
C ASP A 166 -2.39 6.37 -0.56
N GLY A 167 -2.49 5.11 -0.15
CA GLY A 167 -3.48 4.68 0.82
C GLY A 167 -3.50 5.57 2.03
N PHE A 168 -2.35 5.73 2.66
CA PHE A 168 -2.18 6.49 3.86
C PHE A 168 -2.34 7.98 3.68
N PHE A 169 -1.51 8.58 2.81
CA PHE A 169 -1.50 10.03 2.64
C PHE A 169 -2.75 10.58 2.01
N SER A 170 -3.33 9.82 1.08
CA SER A 170 -4.55 10.26 0.45
C SER A 170 -5.66 10.31 1.50
N SER A 171 -5.60 9.39 2.46
CA SER A 171 -6.59 9.32 3.53
C SER A 171 -6.42 10.42 4.59
N ILE A 172 -5.18 10.70 5.06
CA ILE A 172 -4.98 11.74 6.08
C ILE A 172 -5.28 13.10 5.43
N ARG A 173 -5.13 13.22 4.08
CA ARG A 173 -5.50 14.44 3.36
C ARG A 173 -6.99 14.71 3.57
N LYS A 174 -7.85 13.66 3.36
CA LYS A 174 -9.30 13.71 3.57
C LYS A 174 -9.57 14.09 5.03
N GLU A 175 -8.83 13.48 5.96
CA GLU A 175 -8.96 13.78 7.40
C GLU A 175 -8.65 15.26 7.69
N TYR A 176 -7.53 15.79 7.15
CA TYR A 176 -7.10 17.18 7.37
C TYR A 176 -8.07 18.21 6.84
N SER A 177 -8.84 17.84 5.80
CA SER A 177 -9.84 18.71 5.23
C SER A 177 -10.99 18.88 6.22
N VAL A 178 -11.56 17.75 6.69
CA VAL A 178 -12.66 17.71 7.66
C VAL A 178 -12.21 18.28 9.01
N SER A 179 -11.06 17.85 9.54
CA SER A 179 -10.54 18.32 10.81
C SER A 179 -9.92 19.73 10.72
N ARG A 180 -9.90 20.34 9.52
CA ARG A 180 -9.40 21.69 9.24
C ARG A 180 -7.90 21.93 9.67
N VAL A 181 -7.02 20.95 9.40
CA VAL A 181 -5.57 21.02 9.63
C VAL A 181 -5.04 21.64 8.33
N ASN A 182 -4.56 22.89 8.37
CA ASN A 182 -4.11 23.58 7.14
C ASN A 182 -2.71 23.18 6.62
N VAL A 183 -2.51 21.87 6.41
CA VAL A 183 -1.27 21.27 5.89
C VAL A 183 -1.57 20.48 4.61
N SER A 184 -0.87 20.84 3.50
CA SER A 184 -1.05 20.28 2.17
C SER A 184 -0.36 18.91 1.99
N ILE A 185 -1.02 17.96 1.28
CA ILE A 185 -0.45 16.64 0.99
C ILE A 185 -0.41 16.44 -0.54
N THR A 186 0.80 16.52 -1.09
CA THR A 186 1.05 16.41 -2.52
C THR A 186 1.69 15.06 -2.85
N LEU A 187 1.00 14.27 -3.68
CA LEU A 187 1.50 12.96 -4.11
C LEU A 187 1.99 13.02 -5.55
N CYS A 188 3.26 12.66 -5.78
CA CYS A 188 3.83 12.73 -7.11
C CYS A 188 3.95 11.37 -7.74
N VAL A 189 3.24 11.13 -8.83
CA VAL A 189 3.29 9.86 -9.53
C VAL A 189 4.27 10.04 -10.70
N LEU A 190 5.37 9.31 -10.66
CA LEU A 190 6.37 9.47 -11.71
C LEU A 190 6.55 8.23 -12.57
N GLY A 191 6.95 8.45 -13.83
CA GLY A 191 7.37 7.38 -14.72
C GLY A 191 8.88 7.27 -14.62
N LEU A 192 9.55 6.55 -15.52
CA LEU A 192 11.03 6.45 -15.43
C LEU A 192 11.72 7.80 -15.59
N ILE A 193 12.64 8.08 -14.69
CA ILE A 193 13.41 9.31 -14.67
C ILE A 193 14.85 8.94 -14.97
N ASP A 194 15.57 9.79 -15.77
CA ASP A 194 16.95 9.55 -16.24
C ASP A 194 18.01 9.59 -15.11
N THR A 195 17.63 9.15 -13.91
CA THR A 195 18.55 9.08 -12.79
C THR A 195 19.45 7.89 -12.99
N GLU A 196 20.72 8.00 -12.56
CA GLU A 196 21.73 6.96 -12.70
C GLU A 196 21.25 5.65 -12.05
N THR A 197 20.55 5.75 -10.90
CA THR A 197 20.05 4.59 -10.17
C THR A 197 19.10 3.82 -11.03
N ALA A 198 18.10 4.53 -11.60
CA ALA A 198 17.12 3.98 -12.50
C ALA A 198 17.81 3.42 -13.74
N MET A 199 18.58 4.27 -14.43
CA MET A 199 19.26 3.91 -15.66
C MET A 199 20.00 2.62 -15.52
N LYS A 200 20.59 2.39 -14.34
CA LYS A 200 21.35 1.19 -14.03
C LYS A 200 20.44 0.00 -13.83
N ALA A 201 19.41 0.18 -13.01
CA ALA A 201 18.44 -0.84 -12.64
C ALA A 201 17.72 -1.36 -13.83
N VAL A 202 17.61 -0.52 -14.87
CA VAL A 202 16.80 -0.76 -16.04
C VAL A 202 17.62 -0.90 -17.36
N SER A 203 18.94 -0.65 -17.31
CA SER A 203 19.80 -0.74 -18.49
C SER A 203 19.70 -2.10 -19.19
N GLY A 204 19.94 -3.18 -18.44
CA GLY A 204 19.88 -4.54 -18.95
C GLY A 204 18.47 -5.04 -19.16
N ILE A 205 17.59 -4.72 -18.22
CA ILE A 205 16.18 -5.12 -18.24
C ILE A 205 15.46 -4.23 -19.28
N VAL A 206 14.15 -4.40 -19.54
CA VAL A 206 13.50 -3.52 -20.53
C VAL A 206 13.62 -2.04 -20.12
N HIS A 207 14.33 -1.27 -21.00
CA HIS A 207 14.44 0.18 -20.97
C HIS A 207 13.23 0.72 -21.81
N MET A 208 12.61 1.77 -21.30
CA MET A 208 11.41 2.33 -21.88
C MET A 208 11.51 3.84 -22.14
N GLN A 209 12.73 4.40 -22.25
CA GLN A 209 12.97 5.84 -22.44
C GLN A 209 12.53 6.60 -21.21
N ALA A 210 13.51 7.07 -20.44
CA ALA A 210 13.31 7.86 -19.23
C ALA A 210 13.22 9.36 -19.50
N ALA A 211 12.55 10.10 -18.63
CA ALA A 211 12.38 11.55 -18.69
C ALA A 211 13.52 12.33 -17.97
N PRO A 212 13.77 13.64 -18.24
CA PRO A 212 14.83 14.34 -17.50
C PRO A 212 14.52 14.64 -16.03
N LYS A 213 15.48 14.33 -15.15
CA LYS A 213 15.41 14.55 -13.71
C LYS A 213 15.21 16.00 -13.35
N GLU A 214 15.91 16.89 -14.05
CA GLU A 214 15.88 18.34 -13.93
C GLU A 214 14.45 18.86 -14.00
N GLU A 215 13.72 18.55 -15.10
CA GLU A 215 12.31 18.96 -15.27
C GLU A 215 11.45 18.29 -14.22
N CYS A 216 11.57 16.95 -14.07
CA CYS A 216 10.83 16.16 -13.08
C CYS A 216 10.86 16.80 -11.68
N ALA A 217 12.08 17.09 -11.19
CA ALA A 217 12.40 17.69 -9.90
C ALA A 217 11.61 18.97 -9.68
N LEU A 218 11.72 19.89 -10.65
CA LEU A 218 11.08 21.20 -10.63
C LEU A 218 9.58 21.05 -10.60
N GLU A 219 9.05 20.10 -11.40
CA GLU A 219 7.62 19.78 -11.45
C GLU A 219 7.06 19.33 -10.07
N ILE A 220 7.86 18.55 -9.29
CA ILE A 220 7.51 18.13 -7.94
C ILE A 220 7.36 19.40 -7.08
N ILE A 221 8.42 20.22 -6.99
CA ILE A 221 8.44 21.47 -6.21
C ILE A 221 7.26 22.37 -6.58
N LYS A 222 7.04 22.59 -7.90
CA LYS A 222 5.93 23.40 -8.40
C LYS A 222 4.63 22.93 -7.76
N GLY A 223 4.29 21.64 -7.94
CA GLY A 223 3.11 21.01 -7.39
C GLY A 223 2.95 21.24 -5.90
N GLY A 224 4.07 21.13 -5.19
CA GLY A 224 4.15 21.37 -3.74
C GLY A 224 3.77 22.79 -3.34
N ALA A 225 4.37 23.76 -4.07
CA ALA A 225 4.17 25.19 -3.89
C ALA A 225 2.71 25.54 -4.17
N LEU A 226 2.20 25.08 -5.32
CA LEU A 226 0.82 25.29 -5.75
C LEU A 226 -0.20 24.48 -4.90
N ARG A 227 0.29 23.62 -3.99
CA ARG A 227 -0.51 22.80 -3.07
C ARG A 227 -1.49 21.89 -3.82
N GLN A 228 -0.98 21.21 -4.84
CA GLN A 228 -1.74 20.25 -5.65
C GLN A 228 -1.88 18.90 -4.92
N GLU A 229 -2.95 18.12 -5.23
CA GLU A 229 -3.18 16.83 -4.61
C GLU A 229 -2.21 15.82 -5.21
N GLU A 230 -2.14 15.83 -6.56
CA GLU A 230 -1.30 14.97 -7.40
C GLU A 230 -0.46 15.73 -8.43
N VAL A 231 0.67 15.14 -8.78
CA VAL A 231 1.62 15.67 -9.73
C VAL A 231 1.90 14.50 -10.62
N TYR A 232 1.67 14.67 -11.89
CA TYR A 232 1.95 13.60 -12.81
C TYR A 232 3.17 13.96 -13.66
N TYR A 233 4.13 13.05 -13.75
CA TYR A 233 5.27 13.32 -14.58
C TYR A 233 5.72 12.10 -15.34
N ASP A 234 5.63 12.18 -16.67
CA ASP A 234 6.10 11.12 -17.56
C ASP A 234 6.63 11.63 -18.92
N SER A 235 7.45 10.80 -19.56
CA SER A 235 8.01 10.95 -20.89
C SER A 235 6.87 10.83 -21.90
N SER A 236 5.70 10.35 -21.49
CA SER A 236 4.55 10.22 -22.39
C SER A 236 3.31 10.99 -21.98
N ARG A 237 2.62 11.64 -22.96
CA ARG A 237 1.34 12.31 -22.73
C ARG A 237 0.26 11.23 -22.48
N TRP A 238 0.32 10.14 -23.29
CA TRP A 238 -0.49 8.93 -23.27
C TRP A 238 -0.52 8.32 -21.88
N THR A 239 0.65 8.14 -21.23
CA THR A 239 0.64 7.57 -19.89
C THR A 239 0.06 8.56 -18.86
N THR A 240 0.32 9.85 -19.06
CA THR A 240 -0.16 10.95 -18.23
C THR A 240 -1.70 11.01 -18.20
N LEU A 241 -2.37 10.82 -19.35
CA LEU A 241 -3.84 10.82 -19.38
C LEU A 241 -4.36 9.53 -18.76
N LEU A 242 -3.67 8.42 -19.08
CA LEU A 242 -4.00 7.10 -18.61
C LEU A 242 -3.77 6.86 -17.11
N ILE A 243 -2.91 7.63 -16.44
CA ILE A 243 -2.65 7.43 -15.01
C ILE A 243 -3.82 7.95 -14.13
N ARG A 244 -4.25 9.20 -14.35
CA ARG A 244 -5.37 9.86 -13.72
C ARG A 244 -6.51 8.82 -13.46
N ASN A 245 -7.11 8.75 -12.24
CA ASN A 245 -8.23 7.81 -12.00
C ASN A 245 -9.53 8.58 -11.69
N PRO A 246 -10.24 8.87 -12.76
CA PRO A 246 -11.46 9.63 -12.59
C PRO A 246 -12.50 8.97 -11.75
N SER A 247 -12.72 7.68 -11.96
CA SER A 247 -13.72 6.89 -11.22
C SER A 247 -13.48 7.01 -9.72
N ARG A 248 -12.18 6.84 -9.25
CA ARG A 248 -11.81 6.97 -7.83
C ARG A 248 -12.18 8.31 -7.27
N LYS A 249 -11.69 9.38 -7.89
CA LYS A 249 -11.99 10.76 -7.52
C LYS A 249 -13.49 11.01 -7.44
N ILE A 250 -14.28 10.48 -8.41
CA ILE A 250 -15.74 10.60 -8.37
C ILE A 250 -16.33 9.85 -7.17
N LEU A 251 -15.83 8.63 -6.88
CA LEU A 251 -16.35 7.80 -5.79
C LEU A 251 -16.05 8.44 -4.44
N GLU A 252 -14.82 8.95 -4.28
CA GLU A 252 -14.33 9.59 -3.07
C GLU A 252 -15.12 10.84 -2.77
N GLU A 253 -15.42 11.63 -3.83
CA GLU A 253 -16.20 12.85 -3.71
C GLU A 253 -17.66 12.51 -3.50
N LEU A 254 -18.13 11.41 -4.09
CA LEU A 254 -19.51 10.93 -3.95
C LEU A 254 -19.87 10.54 -2.50
N TYR A 255 -18.84 10.15 -1.69
CA TYR A 255 -19.04 9.84 -0.26
C TYR A 255 -18.96 11.15 0.49
N SER A 256 -18.00 12.01 0.09
CA SER A 256 -17.74 13.32 0.69
C SER A 256 -18.99 14.18 0.73
N THR A 257 -19.71 14.22 -0.40
CA THR A 257 -20.95 14.97 -0.56
C THR A 257 -21.96 14.44 0.48
N SER A 258 -22.11 13.11 0.55
CA SER A 258 -23.04 12.45 1.47
C SER A 258 -22.67 12.64 2.97
N TYR A 259 -21.36 12.61 3.30
CA TYR A 259 -20.87 12.74 4.67
C TYR A 259 -19.78 13.80 4.73
N GLU B 1 -21.54 -19.65 -14.04
CA GLU B 1 -20.50 -20.60 -14.44
C GLU B 1 -19.95 -21.40 -13.24
N PHE B 2 -20.12 -20.87 -12.01
CA PHE B 2 -19.68 -21.49 -10.77
C PHE B 2 -20.56 -22.66 -10.39
N ARG B 3 -19.94 -23.72 -9.83
CA ARG B 3 -20.60 -24.93 -9.35
C ARG B 3 -20.09 -25.29 -7.95
N PRO B 4 -20.96 -25.67 -6.99
CA PRO B 4 -20.45 -26.06 -5.66
C PRO B 4 -19.63 -27.35 -5.74
N GLU B 5 -19.90 -28.17 -6.78
CA GLU B 5 -19.22 -29.43 -7.09
C GLU B 5 -17.71 -29.23 -7.23
N MET B 6 -17.29 -28.03 -7.74
CA MET B 6 -15.89 -27.64 -7.93
C MET B 6 -15.10 -27.74 -6.63
N LEU B 7 -15.64 -27.13 -5.56
CA LEU B 7 -14.99 -27.07 -4.24
C LEU B 7 -14.91 -28.42 -3.51
N GLN B 8 -15.84 -29.36 -3.79
CA GLN B 8 -15.88 -30.68 -3.14
C GLN B 8 -14.50 -31.38 -3.14
N GLY B 9 -13.97 -31.59 -1.94
CA GLY B 9 -12.68 -32.24 -1.71
C GLY B 9 -11.43 -31.38 -1.88
N LYS B 10 -11.60 -30.08 -2.15
CA LYS B 10 -10.44 -29.19 -2.30
C LYS B 10 -9.85 -28.77 -0.93
N LYS B 11 -8.50 -28.66 -0.87
CA LYS B 11 -7.68 -28.30 0.30
C LYS B 11 -7.49 -26.75 0.49
N VAL B 12 -8.45 -26.16 1.23
CA VAL B 12 -8.64 -24.74 1.52
C VAL B 12 -8.14 -24.29 2.91
N ILE B 13 -7.49 -23.10 2.97
CA ILE B 13 -7.09 -22.43 4.21
C ILE B 13 -7.89 -21.10 4.27
N VAL B 14 -8.49 -20.79 5.45
CA VAL B 14 -9.23 -19.56 5.70
C VAL B 14 -8.63 -18.90 6.93
N THR B 15 -7.98 -17.72 6.76
CA THR B 15 -7.43 -16.97 7.91
C THR B 15 -8.49 -15.99 8.35
N GLY B 16 -8.49 -15.66 9.64
CA GLY B 16 -9.46 -14.78 10.27
C GLY B 16 -10.87 -15.33 10.19
N ALA B 17 -11.03 -16.62 10.57
CA ALA B 17 -12.29 -17.37 10.49
C ALA B 17 -13.03 -17.61 11.81
N SER B 18 -12.54 -17.06 12.94
CA SER B 18 -13.26 -17.26 14.21
C SER B 18 -14.57 -16.48 14.24
N LYS B 19 -14.63 -15.39 13.44
CA LYS B 19 -15.75 -14.49 13.29
C LYS B 19 -15.77 -13.85 11.91
N GLY B 20 -16.71 -12.91 11.68
CA GLY B 20 -16.89 -12.15 10.46
C GLY B 20 -17.11 -12.91 9.16
N ILE B 21 -16.54 -12.39 8.04
CA ILE B 21 -16.65 -13.00 6.72
C ILE B 21 -15.96 -14.37 6.70
N GLY B 22 -14.79 -14.43 7.33
CA GLY B 22 -14.01 -15.65 7.47
C GLY B 22 -14.83 -16.84 7.89
N ARG B 23 -15.62 -16.67 8.99
CA ARG B 23 -16.51 -17.68 9.55
C ARG B 23 -17.58 -18.13 8.57
N GLU B 24 -18.20 -17.19 7.84
CA GLU B 24 -19.24 -17.53 6.87
C GLU B 24 -18.60 -18.23 5.67
N MET B 25 -17.34 -17.91 5.36
CA MET B 25 -16.60 -18.55 4.26
C MET B 25 -16.32 -20.00 4.60
N ALA B 26 -15.84 -20.25 5.82
CA ALA B 26 -15.58 -21.59 6.35
C ALA B 26 -16.89 -22.38 6.35
N TYR B 27 -18.01 -21.70 6.69
CA TYR B 27 -19.36 -22.26 6.73
C TYR B 27 -19.87 -22.65 5.34
N HIS B 28 -19.62 -21.78 4.35
CA HIS B 28 -19.98 -21.98 2.94
C HIS B 28 -19.21 -23.14 2.32
N LEU B 29 -17.90 -23.19 2.60
CA LEU B 29 -16.99 -24.23 2.14
C LEU B 29 -17.37 -25.56 2.75
N ALA B 30 -18.04 -25.53 3.91
CA ALA B 30 -18.52 -26.73 4.60
C ALA B 30 -19.91 -27.15 4.04
N LYS B 31 -19.97 -27.45 2.75
CA LYS B 31 -21.17 -27.86 2.05
C LYS B 31 -20.76 -28.67 0.84
N MET B 32 -21.42 -29.83 0.67
CA MET B 32 -21.17 -30.89 -0.32
C MET B 32 -19.87 -31.66 0.07
N GLY B 33 -18.80 -30.90 0.29
CA GLY B 33 -17.47 -31.33 0.69
C GLY B 33 -16.46 -30.23 0.49
N ALA B 34 -15.27 -30.37 1.13
CA ALA B 34 -14.07 -29.50 1.13
C ALA B 34 -13.27 -29.65 2.41
N HIS B 35 -11.93 -29.64 2.28
CA HIS B 35 -11.03 -29.73 3.41
C HIS B 35 -10.66 -28.31 3.81
N VAL B 36 -11.19 -27.83 4.95
CA VAL B 36 -10.99 -26.46 5.37
C VAL B 36 -10.26 -26.35 6.70
N VAL B 37 -9.15 -25.61 6.69
CA VAL B 37 -8.37 -25.34 7.90
C VAL B 37 -8.58 -23.85 8.18
N VAL B 38 -8.86 -23.52 9.45
CA VAL B 38 -9.17 -22.17 9.89
C VAL B 38 -8.17 -21.63 10.93
N THR B 39 -7.90 -20.31 10.89
CA THR B 39 -7.03 -19.69 11.89
C THR B 39 -7.53 -18.31 12.33
N ALA B 40 -7.20 -17.96 13.59
CA ALA B 40 -7.49 -16.71 14.32
C ALA B 40 -6.81 -16.85 15.71
N ARG B 41 -6.93 -15.84 16.59
CA ARG B 41 -6.31 -15.92 17.90
C ARG B 41 -7.20 -16.64 18.89
N SER B 42 -8.54 -16.45 18.77
CA SER B 42 -9.55 -17.01 19.67
C SER B 42 -9.59 -18.54 19.63
N LYS B 43 -8.93 -19.18 20.62
CA LYS B 43 -8.81 -20.63 20.70
C LYS B 43 -10.16 -21.32 20.64
N GLU B 44 -11.00 -21.08 21.65
CA GLU B 44 -12.28 -21.77 21.80
C GLU B 44 -13.24 -21.50 20.64
N THR B 45 -13.39 -20.23 20.24
CA THR B 45 -14.26 -19.81 19.16
C THR B 45 -13.96 -20.62 17.92
N LEU B 46 -12.67 -20.80 17.59
CA LEU B 46 -12.23 -21.56 16.43
C LEU B 46 -12.69 -23.01 16.50
N GLN B 47 -12.58 -23.65 17.70
CA GLN B 47 -13.04 -25.02 17.90
C GLN B 47 -14.55 -25.09 17.61
N LYS B 48 -15.31 -24.09 18.06
CA LYS B 48 -16.75 -24.02 17.82
C LYS B 48 -17.03 -24.02 16.31
N VAL B 49 -16.31 -23.17 15.54
CA VAL B 49 -16.44 -23.07 14.07
C VAL B 49 -16.15 -24.43 13.46
N VAL B 50 -15.04 -25.06 13.90
CA VAL B 50 -14.58 -26.37 13.46
C VAL B 50 -15.70 -27.39 13.56
N SER B 51 -16.37 -27.45 14.72
CA SER B 51 -17.46 -28.39 14.93
C SER B 51 -18.65 -28.15 14.00
N HIS B 52 -19.18 -26.91 13.94
CA HIS B 52 -20.31 -26.59 13.06
C HIS B 52 -20.00 -26.86 11.59
N CYS B 53 -18.71 -26.75 11.20
CA CYS B 53 -18.24 -27.04 9.84
C CYS B 53 -18.49 -28.49 9.46
N LEU B 54 -18.16 -29.41 10.36
CA LEU B 54 -18.35 -30.85 10.19
C LEU B 54 -19.83 -31.20 10.15
N GLU B 55 -20.64 -30.53 11.01
CA GLU B 55 -22.10 -30.64 11.10
C GLU B 55 -22.74 -30.12 9.79
N LEU B 56 -22.10 -29.15 9.15
CA LEU B 56 -22.55 -28.64 7.87
C LEU B 56 -22.13 -29.57 6.73
N GLY B 57 -21.24 -30.53 7.02
CA GLY B 57 -20.79 -31.53 6.06
C GLY B 57 -19.46 -31.25 5.39
N ALA B 58 -18.45 -30.82 6.16
CA ALA B 58 -17.11 -30.55 5.64
C ALA B 58 -16.31 -31.85 5.62
N ALA B 59 -15.50 -32.05 4.56
CA ALA B 59 -14.66 -33.24 4.36
C ALA B 59 -13.64 -33.41 5.51
N SER B 60 -13.11 -32.29 6.03
CA SER B 60 -12.19 -32.19 7.17
C SER B 60 -12.08 -30.72 7.61
N ALA B 61 -12.26 -30.49 8.93
CA ALA B 61 -12.21 -29.16 9.55
C ALA B 61 -11.18 -29.20 10.67
N HIS B 62 -10.23 -28.25 10.64
CA HIS B 62 -9.14 -28.16 11.61
C HIS B 62 -8.79 -26.72 11.90
N TYR B 63 -8.50 -26.42 13.17
CA TYR B 63 -8.12 -25.07 13.52
C TYR B 63 -6.71 -25.07 14.08
N ILE B 64 -6.01 -23.95 13.92
CA ILE B 64 -4.68 -23.71 14.46
C ILE B 64 -4.73 -22.23 14.89
N ALA B 65 -4.77 -21.99 16.22
CA ALA B 65 -4.87 -20.64 16.80
C ALA B 65 -3.52 -19.95 16.92
N GLY B 66 -3.56 -18.62 16.85
CA GLY B 66 -2.37 -17.79 16.93
C GLY B 66 -2.50 -16.45 16.24
N THR B 67 -1.62 -15.52 16.67
CA THR B 67 -1.52 -14.17 16.20
C THR B 67 -0.76 -14.06 14.86
N MET B 68 -1.27 -13.19 13.97
CA MET B 68 -0.57 -12.94 12.74
C MET B 68 0.39 -11.74 12.90
N GLU B 69 0.56 -11.28 14.17
CA GLU B 69 1.50 -10.23 14.55
C GLU B 69 2.88 -10.88 14.49
N ASP B 70 2.97 -12.14 14.96
CA ASP B 70 4.20 -12.90 14.93
C ASP B 70 4.34 -13.62 13.60
N MET B 71 5.41 -13.30 12.84
CA MET B 71 5.63 -13.85 11.49
C MET B 71 6.03 -15.32 11.45
N THR B 72 6.76 -15.79 12.48
CA THR B 72 7.19 -17.19 12.49
C THR B 72 5.97 -18.10 12.61
N PHE B 73 4.96 -17.70 13.43
CA PHE B 73 3.74 -18.49 13.53
C PHE B 73 3.15 -18.63 12.12
N ALA B 74 2.92 -17.50 11.44
CA ALA B 74 2.38 -17.44 10.08
C ALA B 74 2.97 -18.53 9.16
N GLU B 75 4.30 -18.79 9.21
CA GLU B 75 4.97 -19.81 8.39
C GLU B 75 4.61 -21.19 8.89
N GLN B 76 4.83 -21.41 10.20
CA GLN B 76 4.56 -22.62 10.97
C GLN B 76 3.14 -23.11 10.62
N PHE B 77 2.16 -22.18 10.59
CA PHE B 77 0.76 -22.46 10.31
C PHE B 77 0.55 -23.14 8.97
N VAL B 78 1.01 -22.51 7.88
CA VAL B 78 0.87 -23.00 6.51
C VAL B 78 1.47 -24.40 6.40
N ALA B 79 2.63 -24.64 7.06
CA ALA B 79 3.27 -25.96 7.10
C ALA B 79 2.33 -27.03 7.70
N GLN B 80 1.85 -26.81 8.93
CA GLN B 80 0.94 -27.70 9.64
C GLN B 80 -0.36 -27.89 8.89
N ALA B 81 -0.94 -26.78 8.39
CA ALA B 81 -2.17 -26.77 7.60
C ALA B 81 -1.98 -27.67 6.35
N GLY B 82 -0.82 -27.52 5.72
CA GLY B 82 -0.40 -28.29 4.56
C GLY B 82 -0.10 -29.73 4.88
N LYS B 83 0.25 -29.99 6.15
CA LYS B 83 0.49 -31.34 6.62
C LYS B 83 -0.85 -32.04 6.85
N LEU B 84 -1.81 -31.33 7.50
CA LEU B 84 -3.13 -31.88 7.82
C LEU B 84 -3.93 -32.28 6.59
N MET B 85 -3.77 -31.54 5.49
CA MET B 85 -4.50 -31.76 4.26
C MET B 85 -3.71 -32.53 3.19
N GLY B 86 -2.38 -32.59 3.36
CA GLY B 86 -1.48 -33.27 2.42
C GLY B 86 -0.93 -32.29 1.40
N GLY B 87 -1.86 -31.50 0.87
CA GLY B 87 -1.64 -30.41 -0.08
C GLY B 87 -2.47 -29.21 0.29
N LEU B 88 -2.45 -28.19 -0.59
CA LEU B 88 -3.21 -26.93 -0.45
C LEU B 88 -3.41 -26.34 -1.84
N ASP B 89 -4.68 -26.10 -2.19
CA ASP B 89 -5.10 -25.61 -3.50
C ASP B 89 -5.79 -24.23 -3.48
N MET B 90 -6.21 -23.76 -2.31
CA MET B 90 -6.78 -22.42 -2.20
C MET B 90 -6.41 -21.79 -0.86
N LEU B 91 -5.73 -20.63 -0.89
CA LEU B 91 -5.33 -19.93 0.32
C LEU B 91 -6.17 -18.64 0.36
N ILE B 92 -7.01 -18.50 1.39
CA ILE B 92 -7.87 -17.32 1.56
C ILE B 92 -7.38 -16.50 2.74
N LEU B 93 -6.63 -15.47 2.45
CA LEU B 93 -6.13 -14.52 3.42
C LEU B 93 -7.23 -13.45 3.64
N ASN B 94 -7.83 -13.40 4.87
CA ASN B 94 -8.94 -12.52 5.21
C ASN B 94 -8.84 -11.90 6.65
N HIS B 95 -7.76 -12.13 7.39
CA HIS B 95 -7.63 -11.56 8.75
C HIS B 95 -7.18 -10.10 8.74
N ILE B 96 -7.45 -9.33 9.82
CA ILE B 96 -7.02 -7.95 10.00
C ILE B 96 -6.85 -7.63 11.47
N THR B 97 -5.91 -6.72 11.84
CA THR B 97 -5.81 -6.29 13.25
C THR B 97 -6.98 -5.35 13.51
N ASN B 98 -7.47 -5.35 14.76
CA ASN B 98 -8.60 -4.51 15.21
C ASN B 98 -8.41 -3.04 14.85
N THR B 99 -9.38 -2.49 14.15
CA THR B 99 -9.32 -1.11 13.73
C THR B 99 -10.59 -0.44 14.14
N SER B 100 -10.51 0.82 14.54
CA SER B 100 -11.68 1.63 14.88
C SER B 100 -11.66 2.89 14.03
N LEU B 101 -12.86 3.40 13.64
CA LEU B 101 -12.94 4.64 12.88
C LEU B 101 -12.51 5.74 13.79
N ASN B 102 -11.45 6.41 13.37
CA ASN B 102 -10.82 7.45 14.16
C ASN B 102 -9.83 8.27 13.35
N LEU B 103 -9.71 9.56 13.74
CA LEU B 103 -8.77 10.54 13.18
C LEU B 103 -7.36 10.08 13.50
N PHE B 104 -6.45 10.17 12.53
CA PHE B 104 -5.07 9.75 12.73
C PHE B 104 -4.30 10.81 13.46
N HIS B 105 -3.90 10.48 14.68
CA HIS B 105 -3.19 11.46 15.46
C HIS B 105 -1.72 11.20 15.33
N ASP B 106 -1.17 10.23 16.08
CA ASP B 106 0.26 9.92 16.00
C ASP B 106 0.59 8.48 16.39
N ASP B 107 -0.36 7.54 16.19
CA ASP B 107 -0.17 6.12 16.55
C ASP B 107 0.64 5.38 15.49
N ILE B 108 1.94 5.60 15.51
CA ILE B 108 2.83 4.90 14.59
C ILE B 108 2.80 3.41 14.92
N HIS B 109 2.61 3.06 16.22
CA HIS B 109 2.45 1.67 16.65
C HIS B 109 1.35 0.96 15.86
N HIS B 110 0.18 1.63 15.72
CA HIS B 110 -0.97 1.11 15.01
C HIS B 110 -0.66 0.99 13.51
N VAL B 111 0.00 2.00 12.91
CA VAL B 111 0.37 1.92 11.48
C VAL B 111 1.24 0.68 11.27
N ARG B 112 2.24 0.47 12.16
CA ARG B 112 3.11 -0.68 12.06
C ARG B 112 2.33 -1.97 12.29
N LYS B 113 1.51 -2.02 13.36
CA LYS B 113 0.73 -3.24 13.63
C LYS B 113 -0.14 -3.61 12.40
N SER B 114 -0.90 -2.62 11.88
CA SER B 114 -1.74 -2.74 10.69
C SER B 114 -0.94 -3.29 9.54
N MET B 115 0.26 -2.71 9.30
CA MET B 115 1.16 -3.14 8.24
C MET B 115 1.54 -4.59 8.40
N GLU B 116 1.91 -5.02 9.63
CA GLU B 116 2.34 -6.38 9.96
C GLU B 116 1.25 -7.43 9.78
N VAL B 117 0.07 -7.21 10.38
CA VAL B 117 -1.08 -8.12 10.34
C VAL B 117 -1.86 -8.10 9.01
N ASN B 118 -2.30 -6.91 8.56
CA ASN B 118 -3.10 -6.83 7.31
C ASN B 118 -2.30 -6.97 6.03
N PHE B 119 -0.97 -6.74 6.06
CA PHE B 119 -0.15 -6.86 4.85
C PHE B 119 0.97 -7.92 4.95
N LEU B 120 2.08 -7.61 5.66
CA LEU B 120 3.25 -8.47 5.77
C LEU B 120 2.95 -9.93 5.95
N SER B 121 2.01 -10.21 6.87
CA SER B 121 1.48 -11.53 7.20
C SER B 121 1.04 -12.26 5.92
N TYR B 122 0.14 -11.63 5.13
CA TYR B 122 -0.38 -12.19 3.88
C TYR B 122 0.77 -12.58 2.97
N VAL B 123 1.82 -11.74 2.87
CA VAL B 123 2.98 -12.00 2.03
C VAL B 123 3.71 -13.23 2.56
N VAL B 124 4.02 -13.23 3.86
CA VAL B 124 4.70 -14.34 4.56
C VAL B 124 3.98 -15.67 4.31
N LEU B 125 2.65 -15.64 4.41
CA LEU B 125 1.76 -16.78 4.18
C LEU B 125 1.86 -17.21 2.74
N THR B 126 1.71 -16.27 1.81
CA THR B 126 1.80 -16.56 0.39
C THR B 126 3.12 -17.26 0.08
N VAL B 127 4.25 -16.71 0.56
CA VAL B 127 5.59 -17.28 0.39
C VAL B 127 5.62 -18.73 0.95
N ALA B 128 5.14 -18.89 2.17
CA ALA B 128 5.03 -20.19 2.81
C ALA B 128 4.16 -21.19 2.00
N ALA B 129 3.05 -20.70 1.41
CA ALA B 129 2.10 -21.53 0.66
C ALA B 129 2.51 -21.85 -0.78
N LEU B 130 3.27 -20.95 -1.40
CA LEU B 130 3.72 -21.00 -2.80
C LEU B 130 4.25 -22.34 -3.29
N PRO B 131 5.07 -23.10 -2.51
CA PRO B 131 5.55 -24.39 -3.04
C PRO B 131 4.40 -25.37 -3.20
N MET B 132 3.56 -25.50 -2.14
CA MET B 132 2.38 -26.36 -2.08
C MET B 132 1.33 -25.99 -3.12
N LEU B 133 1.12 -24.66 -3.31
CA LEU B 133 0.15 -24.14 -4.26
C LEU B 133 0.58 -24.33 -5.70
N LYS B 134 1.91 -24.26 -5.96
CA LYS B 134 2.48 -24.43 -7.29
C LYS B 134 2.13 -25.81 -7.83
N GLN B 135 2.32 -26.87 -7.00
CA GLN B 135 2.10 -28.27 -7.40
C GLN B 135 0.61 -28.67 -7.48
N SER B 136 -0.27 -27.80 -7.01
CA SER B 136 -1.71 -28.07 -7.09
C SER B 136 -2.35 -27.15 -8.14
N ASN B 137 -1.56 -26.14 -8.62
CA ASN B 137 -1.97 -25.10 -9.56
C ASN B 137 -3.15 -24.32 -8.94
N GLY B 138 -2.97 -23.98 -7.67
CA GLY B 138 -3.97 -23.35 -6.82
C GLY B 138 -4.28 -21.88 -7.00
N SER B 139 -4.90 -21.31 -5.95
CA SER B 139 -5.33 -19.92 -5.92
C SER B 139 -5.09 -19.26 -4.59
N ILE B 140 -4.62 -18.01 -4.65
CA ILE B 140 -4.46 -17.11 -3.53
C ILE B 140 -5.62 -16.13 -3.68
N VAL B 141 -6.39 -15.97 -2.61
CA VAL B 141 -7.51 -15.05 -2.51
C VAL B 141 -7.15 -14.10 -1.38
N VAL B 142 -7.02 -12.82 -1.73
CA VAL B 142 -6.70 -11.72 -0.84
C VAL B 142 -8.02 -10.94 -0.67
N VAL B 143 -8.46 -10.77 0.58
CA VAL B 143 -9.69 -10.05 0.90
C VAL B 143 -9.31 -8.60 1.22
N SER B 144 -9.62 -7.72 0.29
CA SER B 144 -9.33 -6.30 0.41
C SER B 144 -10.65 -5.55 0.68
N SER B 145 -10.68 -4.23 0.45
CA SER B 145 -11.80 -3.38 0.78
C SER B 145 -11.85 -2.26 -0.21
N LEU B 146 -12.95 -1.48 -0.20
CA LEU B 146 -13.17 -0.30 -1.03
C LEU B 146 -12.04 0.69 -0.68
N ALA B 147 -11.67 0.74 0.65
CA ALA B 147 -10.59 1.52 1.23
C ALA B 147 -9.23 1.03 0.74
N GLY B 148 -9.19 -0.13 0.09
CA GLY B 148 -8.01 -0.69 -0.54
C GLY B 148 -7.88 -0.23 -1.98
N LYS B 149 -8.86 0.60 -2.42
CA LYS B 149 -8.92 1.13 -3.79
C LYS B 149 -9.15 2.61 -3.81
N VAL B 150 -9.60 3.16 -2.67
CA VAL B 150 -10.03 4.55 -2.59
C VAL B 150 -9.73 5.13 -1.19
N ALA B 151 -9.67 6.47 -1.09
CA ALA B 151 -9.29 7.11 0.17
C ALA B 151 -10.45 7.49 1.06
N TYR B 152 -10.54 6.89 2.26
CA TYR B 152 -11.58 7.30 3.22
C TYR B 152 -10.96 7.81 4.50
N PRO B 153 -11.43 8.95 5.03
CA PRO B 153 -10.90 9.42 6.31
C PRO B 153 -11.34 8.49 7.44
N LEU B 154 -10.57 8.42 8.51
CA LEU B 154 -10.79 7.57 9.71
C LEU B 154 -10.28 6.12 9.58
N VAL B 155 -9.63 5.78 8.45
CA VAL B 155 -9.04 4.45 8.17
C VAL B 155 -7.64 4.56 7.48
N ALA B 156 -6.80 5.55 7.90
CA ALA B 156 -5.51 5.80 7.23
C ALA B 156 -4.56 4.59 7.20
N ALA B 157 -4.32 3.97 8.37
CA ALA B 157 -3.46 2.81 8.47
C ALA B 157 -4.12 1.59 7.84
N TYR B 158 -5.46 1.46 7.95
CA TYR B 158 -6.20 0.35 7.33
C TYR B 158 -6.08 0.44 5.78
N SER B 159 -6.34 1.66 5.22
CA SER B 159 -6.22 1.96 3.80
C SER B 159 -4.82 1.62 3.31
N ALA B 160 -3.79 2.08 4.07
CA ALA B 160 -2.37 1.90 3.76
C ALA B 160 -2.06 0.43 3.52
N SER B 161 -2.52 -0.45 4.42
CA SER B 161 -2.33 -1.89 4.34
C SER B 161 -3.15 -2.54 3.20
N LYS B 162 -4.41 -2.11 3.03
CA LYS B 162 -5.23 -2.63 1.94
C LYS B 162 -4.77 -2.14 0.53
N PHE B 163 -4.11 -0.97 0.47
CA PHE B 163 -3.58 -0.47 -0.79
C PHE B 163 -2.32 -1.21 -1.08
N ALA B 164 -1.57 -1.60 -0.01
CA ALA B 164 -0.31 -2.36 -0.15
C ALA B 164 -0.59 -3.76 -0.71
N LEU B 165 -1.74 -4.36 -0.35
CA LEU B 165 -2.11 -5.68 -0.85
C LEU B 165 -2.28 -5.67 -2.37
N ASP B 166 -3.00 -4.68 -2.88
CA ASP B 166 -3.24 -4.49 -4.32
C ASP B 166 -1.90 -4.32 -4.96
N GLY B 167 -1.10 -3.39 -4.43
CA GLY B 167 0.23 -3.08 -4.95
C GLY B 167 1.02 -4.32 -5.19
N PHE B 168 1.19 -5.10 -4.10
CA PHE B 168 1.96 -6.33 -4.05
C PHE B 168 1.38 -7.46 -4.88
N PHE B 169 0.14 -7.87 -4.57
CA PHE B 169 -0.49 -9.01 -5.22
C PHE B 169 -0.79 -8.79 -6.68
N SER B 170 -1.21 -7.58 -7.05
CA SER B 170 -1.47 -7.27 -8.43
C SER B 170 -0.16 -7.39 -9.25
N SER B 171 0.95 -7.03 -8.61
CA SER B 171 2.26 -7.09 -9.24
C SER B 171 2.83 -8.52 -9.36
N ILE B 172 2.72 -9.36 -8.31
CA ILE B 172 3.24 -10.74 -8.42
C ILE B 172 2.35 -11.51 -9.40
N ARG B 173 1.07 -11.09 -9.60
CA ARG B 173 0.16 -11.69 -10.58
C ARG B 173 0.78 -11.51 -11.95
N LYS B 174 1.21 -10.26 -12.29
CA LYS B 174 1.91 -9.90 -13.54
C LYS B 174 3.18 -10.75 -13.67
N GLU B 175 3.96 -10.87 -12.58
CA GLU B 175 5.16 -11.68 -12.55
C GLU B 175 4.84 -13.16 -12.90
N TYR B 176 3.79 -13.75 -12.27
CA TYR B 176 3.38 -15.15 -12.47
C TYR B 176 2.92 -15.45 -13.88
N SER B 177 2.40 -14.43 -14.58
CA SER B 177 1.97 -14.57 -15.96
C SER B 177 3.21 -14.76 -16.85
N VAL B 178 4.18 -13.81 -16.75
CA VAL B 178 5.44 -13.82 -17.52
C VAL B 178 6.27 -15.04 -17.14
N SER B 179 6.46 -15.31 -15.83
CA SER B 179 7.25 -16.44 -15.36
C SER B 179 6.51 -17.79 -15.49
N ARG B 180 5.24 -17.78 -15.96
CA ARG B 180 4.37 -18.95 -16.17
C ARG B 180 4.17 -19.84 -14.89
N VAL B 181 3.96 -19.20 -13.72
CA VAL B 181 3.65 -19.84 -12.43
C VAL B 181 2.12 -19.96 -12.47
N ASN B 182 1.59 -21.19 -12.57
CA ASN B 182 0.14 -21.40 -12.70
C ASN B 182 -0.66 -21.30 -11.38
N VAL B 183 -0.50 -20.16 -10.67
CA VAL B 183 -1.17 -19.87 -9.40
C VAL B 183 -1.98 -18.58 -9.54
N SER B 184 -3.30 -18.64 -9.26
CA SER B 184 -4.25 -17.54 -9.39
C SER B 184 -4.19 -16.55 -8.22
N ILE B 185 -4.31 -15.24 -8.50
CA ILE B 185 -4.34 -14.18 -7.47
C ILE B 185 -5.66 -13.38 -7.63
N THR B 186 -6.64 -13.70 -6.77
CA THR B 186 -7.95 -13.06 -6.73
C THR B 186 -7.95 -12.02 -5.61
N LEU B 187 -8.11 -10.72 -6.00
CA LEU B 187 -8.21 -9.60 -5.07
C LEU B 187 -9.70 -9.27 -4.91
N CYS B 188 -10.19 -9.22 -3.66
CA CYS B 188 -11.59 -8.98 -3.33
C CYS B 188 -11.82 -7.60 -2.81
N VAL B 189 -12.59 -6.75 -3.50
CA VAL B 189 -12.89 -5.39 -3.04
C VAL B 189 -14.26 -5.36 -2.39
N LEU B 190 -14.32 -5.09 -1.08
CA LEU B 190 -15.62 -5.09 -0.42
C LEU B 190 -16.05 -3.75 0.11
N GLY B 191 -17.35 -3.53 0.16
CA GLY B 191 -17.95 -2.35 0.81
C GLY B 191 -18.33 -2.77 2.22
N LEU B 192 -19.20 -2.01 2.91
CA LEU B 192 -19.61 -2.41 4.28
C LEU B 192 -20.34 -3.75 4.31
N ILE B 193 -19.93 -4.64 5.18
CA ILE B 193 -20.55 -5.95 5.33
C ILE B 193 -21.19 -5.99 6.71
N ASP B 194 -22.38 -6.63 6.85
CA ASP B 194 -23.17 -6.70 8.09
C ASP B 194 -22.51 -7.56 9.23
N THR B 195 -21.18 -7.54 9.28
CA THR B 195 -20.47 -8.27 10.31
C THR B 195 -20.57 -7.47 11.60
N GLU B 196 -20.56 -8.20 12.73
CA GLU B 196 -20.67 -7.62 14.06
C GLU B 196 -19.54 -6.61 14.32
N THR B 197 -18.34 -6.91 13.81
CA THR B 197 -17.18 -6.04 13.98
C THR B 197 -17.44 -4.71 13.37
N ALA B 198 -17.88 -4.72 12.09
CA ALA B 198 -18.24 -3.54 11.31
C ALA B 198 -19.37 -2.82 12.00
N MET B 199 -20.42 -3.54 12.38
CA MET B 199 -21.57 -2.99 13.08
C MET B 199 -21.19 -2.25 14.34
N LYS B 200 -20.38 -2.84 15.20
CA LYS B 200 -19.83 -2.19 16.39
C LYS B 200 -19.11 -0.87 15.97
N ALA B 201 -18.25 -0.96 14.94
CA ALA B 201 -17.41 0.11 14.43
C ALA B 201 -18.15 1.29 13.86
N VAL B 202 -19.22 1.02 13.13
CA VAL B 202 -19.98 2.05 12.45
C VAL B 202 -20.99 2.74 13.39
N SER B 203 -20.75 4.05 13.52
CA SER B 203 -21.47 5.08 14.27
C SER B 203 -21.22 6.44 13.52
N GLY B 204 -22.24 7.30 13.52
CA GLY B 204 -22.20 8.56 12.78
C GLY B 204 -22.55 8.33 11.32
N ILE B 205 -21.81 7.38 10.67
CA ILE B 205 -22.00 6.93 9.30
C ILE B 205 -22.95 5.70 9.26
N VAL B 206 -23.86 5.63 8.23
CA VAL B 206 -24.92 4.60 8.05
C VAL B 206 -24.51 3.39 7.10
N HIS B 207 -24.45 2.10 7.59
CA HIS B 207 -24.76 1.43 8.89
C HIS B 207 -26.00 0.52 8.68
N MET B 208 -27.02 1.10 8.01
CA MET B 208 -28.28 0.50 7.56
C MET B 208 -28.04 -0.10 6.16
N GLN B 209 -27.05 0.46 5.39
CA GLN B 209 -26.74 0.05 4.02
C GLN B 209 -25.95 -1.25 3.94
N ALA B 210 -25.04 -1.53 4.91
CA ALA B 210 -24.19 -2.72 4.99
C ALA B 210 -24.79 -4.02 4.44
N ALA B 211 -24.08 -4.69 3.52
CA ALA B 211 -24.47 -5.89 2.76
C ALA B 211 -24.45 -7.20 3.57
N PRO B 212 -25.18 -8.28 3.18
CA PRO B 212 -25.11 -9.52 3.96
C PRO B 212 -23.80 -10.29 3.80
N LYS B 213 -23.23 -10.73 4.95
CA LYS B 213 -21.99 -11.50 5.06
C LYS B 213 -22.07 -12.81 4.32
N GLU B 214 -23.23 -13.49 4.43
CA GLU B 214 -23.57 -14.76 3.80
C GLU B 214 -23.32 -14.70 2.29
N GLU B 215 -23.93 -13.73 1.59
CA GLU B 215 -23.75 -13.56 0.15
C GLU B 215 -22.30 -13.17 -0.15
N CYS B 216 -21.79 -12.12 0.55
CA CYS B 216 -20.42 -11.64 0.41
C CYS B 216 -19.39 -12.78 0.43
N ALA B 217 -19.42 -13.60 1.48
CA ALA B 217 -18.52 -14.75 1.68
C ALA B 217 -18.52 -15.71 0.47
N LEU B 218 -19.73 -16.13 0.02
CA LEU B 218 -19.91 -17.04 -1.09
C LEU B 218 -19.35 -16.43 -2.36
N GLU B 219 -19.59 -15.12 -2.57
CA GLU B 219 -19.08 -14.35 -3.71
C GLU B 219 -17.51 -14.36 -3.77
N ILE B 220 -16.84 -14.30 -2.60
CA ILE B 220 -15.40 -14.37 -2.51
C ILE B 220 -14.96 -15.76 -3.03
N ILE B 221 -15.48 -16.85 -2.41
CA ILE B 221 -15.19 -18.24 -2.81
C ILE B 221 -15.41 -18.46 -4.33
N LYS B 222 -16.59 -18.02 -4.83
CA LYS B 222 -16.93 -18.13 -6.24
C LYS B 222 -15.78 -17.54 -7.09
N GLY B 223 -15.44 -16.26 -6.84
CA GLY B 223 -14.36 -15.56 -7.55
C GLY B 223 -13.06 -16.31 -7.55
N GLY B 224 -12.75 -16.90 -6.39
CA GLY B 224 -11.56 -17.72 -6.18
C GLY B 224 -11.53 -18.96 -7.05
N ALA B 225 -12.66 -19.70 -7.05
CA ALA B 225 -12.88 -20.91 -7.82
C ALA B 225 -12.79 -20.59 -9.32
N LEU B 226 -13.50 -19.56 -9.76
CA LEU B 226 -13.52 -19.09 -11.14
C LEU B 226 -12.20 -18.43 -11.57
N ARG B 227 -11.25 -18.25 -10.61
CA ARG B 227 -9.92 -17.68 -10.83
C ARG B 227 -9.98 -16.28 -11.43
N GLN B 228 -10.85 -15.44 -10.88
CA GLN B 228 -11.00 -14.04 -11.29
C GLN B 228 -9.85 -13.16 -10.73
N GLU B 229 -9.54 -12.04 -11.39
CA GLU B 229 -8.47 -11.13 -10.94
C GLU B 229 -8.99 -10.35 -9.74
N GLU B 230 -10.24 -9.82 -9.88
CA GLU B 230 -10.95 -9.03 -8.89
C GLU B 230 -12.39 -9.50 -8.61
N VAL B 231 -12.87 -9.23 -7.42
CA VAL B 231 -14.20 -9.58 -6.95
C VAL B 231 -14.69 -8.32 -6.37
N TYR B 232 -15.80 -7.82 -6.87
CA TYR B 232 -16.36 -6.61 -6.29
C TYR B 232 -17.63 -6.97 -5.55
N TYR B 233 -17.76 -6.54 -4.30
CA TYR B 233 -18.97 -6.81 -3.56
C TYR B 233 -19.41 -5.61 -2.76
N ASP B 234 -20.58 -5.06 -3.14
CA ASP B 234 -21.18 -3.94 -2.43
C ASP B 234 -22.71 -3.95 -2.43
N SER B 235 -23.30 -3.25 -1.45
CA SER B 235 -24.71 -2.99 -1.28
C SER B 235 -25.18 -2.07 -2.40
N SER B 236 -24.26 -1.48 -3.20
CA SER B 236 -24.63 -0.63 -4.33
C SER B 236 -24.10 -1.09 -5.68
N ARG B 237 -24.96 -1.04 -6.72
CA ARG B 237 -24.58 -1.34 -8.11
C ARG B 237 -23.68 -0.19 -8.56
N TRP B 238 -24.05 1.03 -8.15
CA TRP B 238 -23.36 2.25 -8.49
C TRP B 238 -21.93 2.22 -8.04
N THR B 239 -21.67 1.86 -6.77
CA THR B 239 -20.27 1.79 -6.31
C THR B 239 -19.51 0.71 -7.08
N THR B 240 -20.18 -0.39 -7.39
CA THR B 240 -19.63 -1.51 -8.13
C THR B 240 -19.17 -1.09 -9.57
N LEU B 241 -19.95 -0.24 -10.28
CA LEU B 241 -19.56 0.23 -11.61
C LEU B 241 -18.42 1.22 -11.46
N LEU B 242 -18.54 2.09 -10.44
CA LEU B 242 -17.56 3.14 -10.17
C LEU B 242 -16.19 2.62 -9.68
N ILE B 243 -16.12 1.44 -9.06
CA ILE B 243 -14.86 0.98 -8.51
C ILE B 243 -13.88 0.57 -9.62
N ARG B 244 -14.39 -0.04 -10.71
CA ARG B 244 -13.55 -0.51 -11.82
C ARG B 244 -12.80 0.61 -12.61
N ASN B 245 -11.48 0.43 -12.77
CA ASN B 245 -10.57 1.35 -13.45
C ASN B 245 -9.91 0.78 -14.75
N PRO B 246 -10.54 1.11 -15.89
CA PRO B 246 -10.01 0.70 -17.21
C PRO B 246 -8.59 1.25 -17.53
N SER B 247 -8.39 2.54 -17.17
CA SER B 247 -7.16 3.27 -17.39
C SER B 247 -6.01 2.49 -16.88
N ARG B 248 -6.08 1.95 -15.63
CA ARG B 248 -4.98 1.12 -15.04
C ARG B 248 -4.67 -0.10 -15.90
N LYS B 249 -5.69 -0.91 -16.24
CA LYS B 249 -5.64 -2.03 -17.14
C LYS B 249 -4.88 -1.64 -18.43
N ILE B 250 -5.32 -0.53 -19.08
CA ILE B 250 -4.68 -0.05 -20.31
C ILE B 250 -3.20 0.28 -20.10
N LEU B 251 -2.86 0.93 -18.98
CA LEU B 251 -1.50 1.33 -18.66
C LEU B 251 -0.61 0.11 -18.42
N GLU B 252 -1.14 -0.85 -17.65
CA GLU B 252 -0.49 -2.11 -17.33
C GLU B 252 -0.20 -2.93 -18.58
N GLU B 253 -1.15 -2.95 -19.52
CA GLU B 253 -1.00 -3.68 -20.78
C GLU B 253 -0.06 -2.91 -21.69
N LEU B 254 -0.11 -1.58 -21.63
CA LEU B 254 0.72 -0.68 -22.45
C LEU B 254 2.22 -0.90 -22.21
N TYR B 255 2.60 -1.36 -21.00
CA TYR B 255 4.00 -1.62 -20.64
C TYR B 255 4.33 -3.09 -20.80
N SER B 256 3.28 -3.93 -20.82
CA SER B 256 3.37 -5.37 -21.09
C SER B 256 3.86 -5.58 -22.52
N THR B 257 3.75 -4.56 -23.41
CA THR B 257 4.25 -4.64 -24.79
C THR B 257 5.72 -5.03 -24.91
N SER B 258 6.59 -4.54 -24.00
CA SER B 258 8.02 -4.82 -24.04
C SER B 258 8.62 -4.87 -22.65
#